data_2CSG
#
_entry.id   2CSG
#
_cell.length_a   110.801
_cell.length_b   110.801
_cell.length_c   105.640
_cell.angle_alpha   90.00
_cell.angle_beta   90.00
_cell.angle_gamma   120.00
#
_symmetry.space_group_name_H-M   'P 31 2 1'
#
loop_
_entity.id
_entity.type
_entity.pdbx_description
1 polymer 'putative cytoplasmic protein'
2 non-polymer 'FE (III) ION'
3 non-polymer 'ISOCITRIC ACID'
4 non-polymer 'SUCCINIC ACID'
5 non-polymer 'CITRIC ACID'
6 water water
#
_entity_poly.entity_id   1
_entity_poly.type   'polypeptide(L)'
_entity_poly.pdbx_seq_one_letter_code
;SNAMTTPFTHETLPADPKAAIRQMKQALRAQIGDVQAVFDRLSATIAARVAEINDLKAQGQPVWPIIPFSELAMGNISDA
TRAEVKRRGCAVIKGHFPREQALAWDQSMLDYLDKNHFDEVYKGPGDNFFGTLSASRPEIYPVYWSQAQMQARQSEEMAL
AQSFLNRLWQVEHDGKRWFNPDISIIYPDRIRRRPPGTTSKGLGAHTDSGALERWLLPAYQQVFASVFNGNVEQYDPWNA
AHRTDVEEYTVDNTTKCSVFRTFQGWTALSDMLPGQGLLHVVPIPEAMAYILLRPLLDDVPEDELCGVAPGRVLPISEQW
HPLLMAALTSIPPLEAGDSVWWHCDVIHSVAPVENQQGWGNVMYIPAAPMCEKNLAYARKVKAALETGASPGDFPREDYE
TTWEGRFTLRDLNIHGKRALGIDV
;
_entity_poly.pdbx_strand_id   A
#
loop_
_chem_comp.id
_chem_comp.type
_chem_comp.name
_chem_comp.formula
CIT non-polymer 'CITRIC ACID' 'C6 H8 O7'
FE non-polymer 'FE (III) ION' 'Fe 3'
ICT non-polymer 'ISOCITRIC ACID' 'C6 H8 O7'
SIN non-polymer 'SUCCINIC ACID' 'C4 H6 O4'
#
# COMPACT_ATOMS: atom_id res chain seq x y z
N THR A 6 1.16 -8.59 -27.19
CA THR A 6 1.83 -9.90 -27.46
C THR A 6 0.83 -11.05 -27.34
N PRO A 7 1.13 -12.19 -28.00
CA PRO A 7 0.44 -13.44 -27.64
C PRO A 7 0.56 -13.79 -26.13
N PHE A 8 1.44 -13.10 -25.38
CA PHE A 8 1.78 -13.56 -24.01
C PHE A 8 0.97 -13.02 -22.82
N THR A 9 0.24 -11.93 -23.01
CA THR A 9 -0.47 -11.24 -21.91
C THR A 9 -1.85 -11.83 -21.64
N HIS A 10 -2.40 -11.55 -20.46
CA HIS A 10 -3.77 -11.93 -20.15
C HIS A 10 -4.46 -10.77 -19.42
N GLU A 11 -5.71 -10.50 -19.77
CA GLU A 11 -6.48 -9.41 -19.13
C GLU A 11 -7.39 -10.02 -18.08
N THR A 12 -7.61 -11.32 -18.22
CA THR A 12 -8.29 -12.10 -17.21
C THR A 12 -7.34 -13.19 -16.69
N LEU A 13 -7.72 -13.85 -15.60
CA LEU A 13 -6.86 -14.82 -14.93
C LEU A 13 -6.69 -16.04 -15.83
N PRO A 14 -5.44 -16.30 -16.27
CA PRO A 14 -5.19 -17.44 -17.15
C PRO A 14 -5.71 -18.73 -16.55
N ALA A 15 -6.29 -19.57 -17.40
CA ALA A 15 -6.83 -20.86 -17.01
C ALA A 15 -5.72 -21.82 -16.63
N ASP A 16 -4.54 -21.56 -17.16
CA ASP A 16 -3.34 -22.29 -16.83
C ASP A 16 -2.24 -21.29 -16.50
N PRO A 17 -2.10 -20.94 -15.21
CA PRO A 17 -1.04 -19.99 -14.80
C PRO A 17 0.38 -20.46 -15.18
N LYS A 18 0.73 -21.70 -14.86
CA LYS A 18 2.07 -22.20 -15.15
C LYS A 18 2.39 -22.10 -16.65
N ALA A 19 1.43 -22.46 -17.50
CA ALA A 19 1.60 -22.31 -18.94
C ALA A 19 1.86 -20.87 -19.33
N ALA A 20 1.06 -19.95 -18.74
CA ALA A 20 1.14 -18.54 -19.06
C ALA A 20 2.44 -17.90 -18.59
N ILE A 21 2.91 -18.30 -17.39
CA ILE A 21 4.16 -17.81 -16.82
C ILE A 21 5.33 -18.21 -17.73
N ARG A 22 5.38 -19.51 -18.07
CA ARG A 22 6.37 -20.06 -19.01
CA ARG A 22 6.41 -20.02 -18.98
C ARG A 22 6.54 -19.16 -20.25
N GLN A 23 5.41 -18.91 -20.94
CA GLN A 23 5.41 -18.19 -22.22
CA GLN A 23 5.43 -18.21 -22.21
C GLN A 23 5.84 -16.73 -22.04
N MET A 24 5.39 -16.13 -20.94
CA MET A 24 5.78 -14.76 -20.61
C MET A 24 7.29 -14.68 -20.44
N LYS A 25 7.86 -15.60 -19.67
CA LYS A 25 9.29 -15.63 -19.44
C LYS A 25 10.01 -15.70 -20.77
N GLN A 26 9.71 -16.74 -21.59
CA GLN A 26 10.35 -16.88 -22.89
CA GLN A 26 10.29 -16.91 -22.92
C GLN A 26 10.23 -15.61 -23.73
N ALA A 27 9.03 -15.07 -23.87
CA ALA A 27 8.84 -13.82 -24.61
C ALA A 27 9.72 -12.67 -24.08
N LEU A 28 9.92 -12.64 -22.76
CA LEU A 28 10.58 -11.49 -22.14
C LEU A 28 12.09 -11.57 -22.16
N ARG A 29 12.63 -12.75 -21.86
CA ARG A 29 14.05 -12.99 -21.98
C ARG A 29 14.49 -12.59 -23.38
N ALA A 30 13.61 -12.86 -24.36
CA ALA A 30 13.87 -12.56 -25.75
C ALA A 30 13.84 -11.06 -26.04
N GLN A 31 12.85 -10.37 -25.48
CA GLN A 31 12.71 -8.94 -25.69
C GLN A 31 13.77 -8.10 -24.93
N ILE A 32 14.46 -8.70 -23.95
CA ILE A 32 15.44 -7.96 -23.16
C ILE A 32 16.87 -8.22 -23.61
N GLY A 33 17.15 -9.43 -24.08
CA GLY A 33 18.52 -9.74 -24.44
C GLY A 33 19.19 -10.38 -23.26
N ASP A 34 20.27 -9.80 -22.75
CA ASP A 34 20.95 -10.39 -21.60
C ASP A 34 20.33 -9.94 -20.30
N VAL A 35 19.36 -10.72 -19.81
CA VAL A 35 18.63 -10.42 -18.57
C VAL A 35 19.59 -10.24 -17.40
N GLN A 36 20.51 -11.18 -17.23
CA GLN A 36 21.44 -11.17 -16.11
C GLN A 36 22.23 -9.88 -16.07
N ALA A 37 22.70 -9.40 -17.23
CA ALA A 37 23.46 -8.14 -17.32
C ALA A 37 22.64 -6.92 -16.87
N VAL A 38 21.37 -6.90 -17.26
CA VAL A 38 20.45 -5.84 -16.86
C VAL A 38 20.16 -5.89 -15.34
N PHE A 39 19.86 -7.08 -14.83
CA PHE A 39 19.68 -7.31 -13.40
C PHE A 39 20.89 -6.82 -12.62
N ASP A 40 22.10 -7.20 -13.04
CA ASP A 40 23.32 -6.76 -12.37
C ASP A 40 23.46 -5.24 -12.36
N ARG A 41 23.24 -4.61 -13.51
N ARG A 41 23.22 -4.62 -13.52
CA ARG A 41 23.27 -3.15 -13.62
CA ARG A 41 23.25 -3.19 -13.65
C ARG A 41 22.28 -2.58 -12.61
C ARG A 41 22.28 -2.58 -12.65
N LEU A 42 21.03 -3.04 -12.68
CA LEU A 42 19.97 -2.60 -11.76
C LEU A 42 20.39 -2.75 -10.30
N SER A 43 20.96 -3.90 -9.97
CA SER A 43 21.38 -4.20 -8.63
C SER A 43 22.49 -3.28 -8.13
N ALA A 44 23.37 -2.83 -9.03
CA ALA A 44 24.44 -1.90 -8.67
C ALA A 44 23.89 -0.55 -8.25
N THR A 45 22.89 -0.07 -8.99
CA THR A 45 22.16 1.14 -8.58
C THR A 45 21.51 0.94 -7.21
N ILE A 46 20.80 -0.18 -7.04
CA ILE A 46 20.14 -0.50 -5.79
C ILE A 46 21.13 -0.74 -4.63
N ALA A 47 22.22 -1.46 -4.89
CA ALA A 47 23.23 -1.67 -3.85
C ALA A 47 23.70 -0.33 -3.33
N ALA A 48 23.89 0.61 -4.24
CA ALA A 48 24.34 1.96 -3.93
C ALA A 48 23.35 2.70 -3.05
N ARG A 49 22.06 2.45 -3.26
CA ARG A 49 21.01 3.02 -2.41
C ARG A 49 21.06 2.44 -1.02
N VAL A 50 21.39 1.16 -0.94
CA VAL A 50 21.48 0.49 0.35
C VAL A 50 22.61 1.13 1.13
N ALA A 51 23.67 1.49 0.42
CA ALA A 51 24.81 2.18 1.02
C ALA A 51 24.37 3.52 1.59
N GLU A 52 23.64 4.31 0.80
CA GLU A 52 23.02 5.52 1.31
C GLU A 52 22.27 5.23 2.60
N ILE A 53 21.25 4.37 2.50
CA ILE A 53 20.35 4.05 3.60
C ILE A 53 21.13 3.59 4.83
N ASN A 54 22.11 2.72 4.64
CA ASN A 54 22.88 2.23 5.77
C ASN A 54 23.64 3.35 6.44
N ASP A 55 24.28 4.18 5.61
CA ASP A 55 24.99 5.36 6.06
C ASP A 55 24.13 6.25 6.96
N LEU A 56 22.96 6.62 6.46
CA LEU A 56 22.02 7.36 7.26
C LEU A 56 21.68 6.64 8.58
N LYS A 57 21.41 5.34 8.54
CA LYS A 57 21.08 4.59 9.75
C LYS A 57 22.17 4.73 10.79
N ALA A 58 23.40 4.51 10.36
CA ALA A 58 24.57 4.60 11.23
C ALA A 58 24.73 5.97 11.90
N GLN A 59 24.51 7.04 11.12
N GLN A 59 24.49 7.03 11.13
CA GLN A 59 24.55 8.40 11.63
CA GLN A 59 24.55 8.38 11.65
C GLN A 59 23.58 8.61 12.79
C GLN A 59 23.17 8.85 12.16
N GLY A 60 22.46 7.91 12.78
CA GLY A 60 21.36 8.18 13.70
C GLY A 60 20.14 8.82 13.11
N GLN A 61 20.14 8.97 11.78
CA GLN A 61 18.99 9.54 11.08
C GLN A 61 17.81 8.58 10.97
N PRO A 62 16.59 9.13 10.78
CA PRO A 62 15.55 8.24 10.30
C PRO A 62 15.78 8.22 8.80
N VAL A 63 15.32 7.16 8.16
CA VAL A 63 15.54 7.09 6.73
C VAL A 63 14.31 7.70 6.08
N TRP A 64 13.17 7.46 6.71
CA TRP A 64 11.93 8.09 6.32
C TRP A 64 12.09 9.62 6.36
N PRO A 65 11.74 10.28 5.26
CA PRO A 65 11.50 11.71 5.31
C PRO A 65 10.43 12.05 6.33
N ILE A 66 10.78 12.92 7.26
CA ILE A 66 9.86 13.46 8.27
C ILE A 66 9.34 14.84 7.83
N ILE A 67 8.05 14.97 7.59
CA ILE A 67 7.52 16.26 7.16
C ILE A 67 6.46 16.80 8.14
N PRO A 68 6.77 17.91 8.85
CA PRO A 68 5.86 18.39 9.91
C PRO A 68 4.58 18.88 9.31
N PHE A 69 3.45 18.56 9.94
CA PHE A 69 2.18 18.89 9.31
C PHE A 69 1.97 20.38 9.14
N SER A 70 2.48 21.17 10.08
CA SER A 70 2.51 22.64 9.94
C SER A 70 3.03 23.12 8.57
N GLU A 71 4.27 22.76 8.18
CA GLU A 71 4.78 23.11 6.83
C GLU A 71 3.79 22.68 5.74
N LEU A 72 3.32 21.43 5.79
CA LEU A 72 2.39 20.92 4.79
C LEU A 72 1.20 21.84 4.71
N ALA A 73 0.64 22.13 5.88
CA ALA A 73 -0.59 22.92 5.99
C ALA A 73 -0.41 24.32 5.43
N MET A 74 0.81 24.83 5.56
CA MET A 74 1.13 26.18 5.15
C MET A 74 1.86 26.23 3.80
N GLY A 75 1.84 25.12 3.07
CA GLY A 75 2.46 25.05 1.74
C GLY A 75 3.94 25.36 1.72
N ASN A 76 4.65 25.14 2.82
CA ASN A 76 6.06 25.50 2.90
C ASN A 76 7.01 24.29 2.96
N ILE A 77 6.69 23.28 2.13
CA ILE A 77 7.55 22.12 1.94
C ILE A 77 8.57 22.47 0.86
N SER A 78 9.85 22.20 1.12
CA SER A 78 10.90 22.57 0.19
C SER A 78 10.95 21.68 -1.04
N ASP A 79 11.85 22.02 -1.97
CA ASP A 79 12.13 21.17 -3.11
C ASP A 79 12.90 19.93 -2.66
N ALA A 80 13.82 20.13 -1.72
CA ALA A 80 14.68 19.04 -1.21
C ALA A 80 13.88 17.91 -0.55
N THR A 81 12.85 18.30 0.21
CA THR A 81 11.96 17.34 0.83
C THR A 81 11.17 16.61 -0.26
N ARG A 82 10.40 17.33 -1.06
CA ARG A 82 9.70 16.74 -2.21
C ARG A 82 10.58 15.73 -2.94
N ALA A 83 11.84 16.11 -3.18
CA ALA A 83 12.79 15.24 -3.83
C ALA A 83 13.07 13.96 -3.02
N GLU A 84 13.26 14.12 -1.71
N GLU A 84 13.26 14.09 -1.71
CA GLU A 84 13.64 13.03 -0.79
CA GLU A 84 13.68 12.95 -0.88
C GLU A 84 12.54 11.97 -0.68
C GLU A 84 12.54 11.97 -0.58
N VAL A 85 11.30 12.43 -0.69
CA VAL A 85 10.15 11.56 -0.59
C VAL A 85 10.13 10.72 -1.86
N LYS A 86 10.53 11.31 -2.98
CA LYS A 86 10.57 10.60 -4.27
C LYS A 86 11.73 9.62 -4.35
N ARG A 87 12.82 9.96 -3.69
CA ARG A 87 13.95 9.06 -3.66
C ARG A 87 13.64 7.85 -2.78
N ARG A 88 12.93 8.10 -1.68
CA ARG A 88 12.74 7.11 -0.62
C ARG A 88 11.43 6.34 -0.72
N GLY A 89 10.44 6.94 -1.39
CA GLY A 89 9.20 6.25 -1.65
C GLY A 89 8.29 6.17 -0.45
N CYS A 90 8.64 6.89 0.61
CA CYS A 90 7.78 6.99 1.78
C CYS A 90 7.93 8.31 2.53
N ALA A 91 7.01 8.57 3.45
CA ALA A 91 7.01 9.79 4.24
C ALA A 91 6.20 9.63 5.52
N VAL A 92 6.76 10.13 6.62
CA VAL A 92 6.00 10.38 7.85
C VAL A 92 5.51 11.85 7.90
N ILE A 93 4.21 12.03 8.16
CA ILE A 93 3.66 13.35 8.46
C ILE A 93 3.46 13.51 9.98
N LYS A 94 4.46 14.02 10.68
CA LYS A 94 4.35 14.32 12.12
C LYS A 94 3.25 15.34 12.42
N GLY A 95 2.48 15.12 13.48
CA GLY A 95 1.41 16.06 13.84
C GLY A 95 0.29 16.24 12.84
N HIS A 96 0.10 15.25 11.99
CA HIS A 96 -0.95 15.25 10.98
C HIS A 96 -2.27 15.57 11.67
N PHE A 97 -2.50 14.94 12.81
CA PHE A 97 -3.61 15.29 13.67
C PHE A 97 -3.11 15.58 15.08
N PRO A 98 -3.80 16.50 15.79
CA PRO A 98 -3.46 16.73 17.20
C PRO A 98 -3.65 15.45 17.99
N ARG A 99 -2.73 15.19 18.91
CA ARG A 99 -2.78 14.02 19.78
C ARG A 99 -4.12 13.78 20.45
N GLU A 100 -4.70 14.84 21.01
N GLU A 100 -4.75 14.85 20.94
CA GLU A 100 -6.01 14.72 21.63
CA GLU A 100 -6.01 14.71 21.67
C GLU A 100 -6.95 14.01 20.65
C GLU A 100 -7.24 14.42 20.77
N GLN A 101 -7.08 14.59 19.47
CA GLN A 101 -8.08 14.16 18.49
C GLN A 101 -7.88 12.68 18.17
N ALA A 102 -6.61 12.27 18.03
CA ALA A 102 -6.29 10.90 17.72
C ALA A 102 -6.68 9.98 18.87
N LEU A 103 -6.19 10.29 20.08
CA LEU A 103 -6.52 9.52 21.27
C LEU A 103 -8.03 9.42 21.48
N ALA A 104 -8.78 10.51 21.27
CA ALA A 104 -10.23 10.49 21.51
C ALA A 104 -10.89 9.56 20.51
N TRP A 105 -10.34 9.55 19.29
CA TRP A 105 -10.79 8.66 18.22
C TRP A 105 -10.61 7.23 18.64
N ASP A 106 -9.38 6.90 19.04
CA ASP A 106 -9.06 5.57 19.55
C ASP A 106 -10.03 5.10 20.61
N GLN A 107 -10.39 5.98 21.54
CA GLN A 107 -11.31 5.63 22.59
C GLN A 107 -12.68 5.34 22.00
N SER A 108 -13.13 6.15 21.05
CA SER A 108 -14.43 5.91 20.40
C SER A 108 -14.43 4.56 19.69
N MET A 109 -13.29 4.19 19.12
CA MET A 109 -13.14 2.87 18.49
CA MET A 109 -13.19 2.88 18.49
C MET A 109 -13.41 1.81 19.55
N LEU A 110 -12.63 1.83 20.64
CA LEU A 110 -12.86 0.90 21.74
C LEU A 110 -14.33 0.75 22.05
N ASP A 111 -15.03 1.85 22.25
CA ASP A 111 -16.44 1.78 22.66
C ASP A 111 -17.36 1.31 21.55
N TYR A 112 -17.01 1.64 20.32
CA TYR A 112 -17.73 1.16 19.13
C TYR A 112 -17.61 -0.37 19.03
N LEU A 113 -16.40 -0.89 19.15
CA LEU A 113 -16.24 -2.34 19.21
C LEU A 113 -16.99 -2.94 20.40
N ASP A 114 -16.76 -2.40 21.59
CA ASP A 114 -17.41 -2.90 22.79
C ASP A 114 -18.92 -2.94 22.72
N LYS A 115 -19.54 -1.84 22.27
CA LYS A 115 -21.01 -1.72 22.33
C LYS A 115 -21.72 -2.64 21.34
N ASN A 116 -20.98 -3.13 20.35
CA ASN A 116 -21.53 -4.01 19.35
C ASN A 116 -20.94 -5.42 19.48
N HIS A 117 -20.23 -5.65 20.58
CA HIS A 117 -19.84 -7.01 21.01
C HIS A 117 -18.92 -7.75 20.05
N PHE A 118 -17.98 -7.00 19.49
CA PHE A 118 -17.10 -7.50 18.46
C PHE A 118 -16.47 -8.85 18.81
N ASP A 119 -15.60 -8.86 19.83
N ASP A 119 -15.60 -8.86 19.82
CA ASP A 119 -14.80 -10.04 20.22
CA ASP A 119 -14.78 -10.03 20.18
C ASP A 119 -15.59 -11.35 20.33
C ASP A 119 -15.56 -11.35 20.37
N GLU A 120 -16.85 -11.24 20.74
CA GLU A 120 -17.75 -12.40 20.78
C GLU A 120 -17.96 -12.91 19.35
N VAL A 121 -18.56 -12.04 18.52
CA VAL A 121 -19.07 -12.37 17.18
C VAL A 121 -18.00 -12.76 16.12
N TYR A 122 -16.81 -12.19 16.25
CA TYR A 122 -15.75 -12.34 15.23
C TYR A 122 -15.34 -13.78 14.88
N LYS A 123 -15.62 -14.19 13.63
CA LYS A 123 -15.31 -15.55 13.14
C LYS A 123 -13.93 -15.68 12.46
N GLY A 124 -13.62 -14.73 11.57
CA GLY A 124 -12.42 -14.76 10.70
C GLY A 124 -11.04 -14.78 11.36
N PRO A 125 -9.94 -14.61 10.57
CA PRO A 125 -9.79 -14.05 9.19
C PRO A 125 -10.81 -14.55 8.17
N GLY A 126 -11.45 -13.62 7.46
CA GLY A 126 -12.39 -13.99 6.39
C GLY A 126 -11.64 -14.38 5.13
N ASP A 127 -10.31 -14.27 5.18
CA ASP A 127 -9.47 -14.30 3.98
C ASP A 127 -8.11 -14.99 4.24
N ASN A 128 -7.45 -15.47 3.18
CA ASN A 128 -6.06 -15.96 3.25
C ASN A 128 -5.13 -15.31 2.19
N PHE A 129 -5.13 -13.98 2.16
CA PHE A 129 -4.33 -13.17 1.22
C PHE A 129 -2.81 -13.37 1.38
N PHE A 130 -2.39 -13.84 2.56
CA PHE A 130 -0.96 -13.92 2.94
C PHE A 130 -0.36 -15.33 3.01
N GLY A 131 -1.04 -16.33 2.46
CA GLY A 131 -0.55 -17.71 2.50
C GLY A 131 0.89 -17.86 2.03
N THR A 132 1.34 -16.89 1.24
CA THR A 132 2.70 -16.84 0.67
C THR A 132 3.77 -16.30 1.63
N LEU A 133 3.35 -15.95 2.85
CA LEU A 133 4.24 -15.32 3.83
C LEU A 133 4.40 -16.16 5.09
N SER A 134 5.60 -16.14 5.68
CA SER A 134 5.90 -16.87 6.92
C SER A 134 5.08 -16.31 8.07
N ALA A 135 5.11 -14.98 8.23
CA ALA A 135 4.21 -14.26 9.13
C ALA A 135 2.96 -13.82 8.35
N SER A 136 1.89 -14.61 8.47
CA SER A 136 0.67 -14.39 7.68
C SER A 136 -0.52 -13.89 8.51
N ARG A 137 -0.34 -13.81 9.83
CA ARG A 137 -1.41 -13.41 10.75
C ARG A 137 -1.08 -12.11 11.51
N PRO A 138 -1.51 -10.95 10.96
CA PRO A 138 -1.42 -9.67 11.69
C PRO A 138 -2.69 -9.42 12.51
N GLU A 139 -2.56 -8.68 13.62
CA GLU A 139 -3.53 -8.75 14.73
C GLU A 139 -4.90 -8.03 14.57
N ILE A 140 -5.95 -8.67 15.13
CA ILE A 140 -7.39 -8.54 14.75
C ILE A 140 -7.96 -7.18 14.18
N TYR A 141 -8.48 -7.27 12.93
CA TYR A 141 -8.98 -6.16 12.10
C TYR A 141 -10.46 -5.94 12.37
N PRO A 142 -11.39 -5.95 11.35
CA PRO A 142 -11.71 -5.52 9.99
C PRO A 142 -13.08 -4.78 10.05
N VAL A 143 -13.04 -3.52 10.47
CA VAL A 143 -14.24 -2.66 10.52
C VAL A 143 -14.00 -1.40 9.71
N TYR A 144 -15.07 -0.83 9.18
CA TYR A 144 -14.95 0.13 8.10
C TYR A 144 -15.61 1.47 8.39
N TRP A 145 -16.68 1.48 9.17
CA TRP A 145 -17.54 2.64 9.23
C TRP A 145 -17.68 3.30 10.59
N SER A 146 -16.63 3.21 11.41
CA SER A 146 -16.61 3.95 12.66
C SER A 146 -16.58 5.45 12.34
N GLN A 147 -17.22 6.24 13.20
CA GLN A 147 -17.15 7.70 13.10
C GLN A 147 -15.70 8.17 13.10
N ALA A 148 -14.87 7.53 13.91
CA ALA A 148 -13.46 7.84 13.92
C ALA A 148 -12.87 7.77 12.50
N GLN A 149 -13.15 6.67 11.79
CA GLN A 149 -12.53 6.40 10.48
C GLN A 149 -12.98 7.39 9.42
N MET A 150 -14.29 7.46 9.25
CA MET A 150 -14.86 8.31 8.23
C MET A 150 -14.47 9.78 8.48
N GLN A 151 -14.46 10.19 9.75
CA GLN A 151 -14.10 11.56 10.09
C GLN A 151 -12.72 11.90 9.58
N ALA A 152 -11.79 11.01 9.82
CA ALA A 152 -10.39 11.19 9.45
C ALA A 152 -10.27 11.22 7.93
N ARG A 153 -11.07 10.36 7.31
CA ARG A 153 -11.05 10.22 5.89
C ARG A 153 -11.47 11.55 5.26
N GLN A 154 -12.69 12.02 5.55
CA GLN A 154 -13.19 13.33 5.08
C GLN A 154 -12.54 14.57 5.76
N SER A 155 -11.77 14.37 6.81
CA SER A 155 -11.12 15.51 7.46
C SER A 155 -10.41 16.38 6.43
N GLU A 156 -10.47 17.68 6.65
CA GLU A 156 -9.82 18.63 5.78
C GLU A 156 -8.31 18.46 5.80
N GLU A 157 -7.77 18.03 6.93
CA GLU A 157 -6.33 17.85 6.99
C GLU A 157 -5.83 16.52 6.39
N MET A 158 -6.73 15.59 6.08
CA MET A 158 -6.34 14.42 5.29
C MET A 158 -6.20 14.93 3.86
N ALA A 159 -7.25 15.63 3.42
CA ALA A 159 -7.30 16.26 2.09
C ALA A 159 -6.00 17.02 1.71
N LEU A 160 -5.45 17.76 2.66
CA LEU A 160 -4.22 18.47 2.45
C LEU A 160 -3.12 17.51 2.12
N ALA A 161 -3.03 16.45 2.93
CA ALA A 161 -1.96 15.45 2.79
C ALA A 161 -2.14 14.61 1.52
N GLN A 162 -3.37 14.18 1.26
CA GLN A 162 -3.65 13.42 0.07
C GLN A 162 -3.22 14.17 -1.19
N SER A 163 -3.72 15.39 -1.35
CA SER A 163 -3.32 16.31 -2.42
C SER A 163 -1.81 16.53 -2.53
N PHE A 164 -1.12 16.75 -1.41
CA PHE A 164 0.32 16.97 -1.46
C PHE A 164 1.06 15.77 -2.00
N LEU A 165 0.51 14.59 -1.72
CA LEU A 165 1.18 13.34 -2.01
C LEU A 165 1.01 13.00 -3.47
N ASN A 166 -0.24 13.03 -3.92
CA ASN A 166 -0.62 12.82 -5.32
C ASN A 166 0.21 13.69 -6.27
N ARG A 167 0.41 14.95 -5.85
CA ARG A 167 1.22 15.93 -6.56
C ARG A 167 2.64 15.49 -6.87
N LEU A 168 3.12 14.45 -6.20
CA LEU A 168 4.50 14.00 -6.40
C LEU A 168 4.65 13.14 -7.65
N TRP A 169 3.51 12.75 -8.23
CA TRP A 169 3.47 11.92 -9.40
C TRP A 169 3.34 12.76 -10.64
N GLN A 170 4.06 12.41 -11.69
N GLN A 170 4.06 12.41 -11.69
CA GLN A 170 3.86 13.01 -13.01
CA GLN A 170 3.87 13.02 -13.00
C GLN A 170 2.45 12.61 -13.46
C GLN A 170 2.47 12.63 -13.51
N VAL A 171 1.59 13.61 -13.68
CA VAL A 171 0.20 13.37 -14.07
C VAL A 171 -0.09 13.59 -15.55
N GLU A 172 0.67 14.51 -16.16
CA GLU A 172 0.33 15.04 -17.50
C GLU A 172 0.49 14.05 -18.66
N HIS A 173 1.72 13.60 -18.90
CA HIS A 173 2.04 12.59 -19.93
C HIS A 173 1.16 12.68 -21.21
N ASP A 174 0.31 11.65 -21.41
CA ASP A 174 -0.59 11.58 -22.57
C ASP A 174 -2.03 11.93 -22.21
N GLY A 175 -2.75 12.47 -23.20
CA GLY A 175 -4.12 12.97 -23.03
C GLY A 175 -4.19 13.87 -21.80
N LYS A 176 -3.24 14.81 -21.74
CA LYS A 176 -3.08 15.85 -20.70
C LYS A 176 -3.08 15.53 -19.16
N ARG A 177 -3.94 14.61 -18.71
N ARG A 177 -3.99 14.65 -18.73
CA ARG A 177 -4.04 14.26 -17.26
CA ARG A 177 -4.05 14.19 -17.35
C ARG A 177 -4.55 12.83 -16.96
C ARG A 177 -4.21 12.67 -17.28
N TRP A 178 -3.78 12.09 -16.16
CA TRP A 178 -4.09 10.68 -15.86
C TRP A 178 -5.06 10.50 -14.69
N PHE A 179 -4.93 11.37 -13.68
CA PHE A 179 -5.91 11.54 -12.60
C PHE A 179 -5.90 13.00 -12.11
N ASN A 180 -6.90 13.37 -11.30
CA ASN A 180 -6.93 14.69 -10.64
C ASN A 180 -6.32 14.59 -9.24
N PRO A 181 -5.10 15.15 -9.06
CA PRO A 181 -4.34 15.02 -7.83
C PRO A 181 -4.87 15.78 -6.64
N ASP A 182 -6.06 16.35 -6.75
CA ASP A 182 -6.53 17.31 -5.76
C ASP A 182 -7.85 16.93 -5.12
N ILE A 183 -8.42 15.83 -5.61
CA ILE A 183 -9.56 15.20 -4.98
C ILE A 183 -9.12 13.76 -4.87
N SER A 184 -9.43 13.09 -3.77
CA SER A 184 -9.17 11.67 -3.65
C SER A 184 -10.40 10.96 -3.17
N ILE A 185 -10.60 9.72 -3.58
CA ILE A 185 -11.82 9.03 -3.19
C ILE A 185 -11.76 8.56 -1.74
N ILE A 186 -12.92 8.39 -1.11
CA ILE A 186 -12.98 7.67 0.13
C ILE A 186 -12.77 6.19 -0.24
N TYR A 187 -11.65 5.61 0.23
CA TYR A 187 -11.39 4.18 0.11
C TYR A 187 -11.48 3.52 1.50
N PRO A 188 -12.65 3.00 1.86
CA PRO A 188 -12.84 2.50 3.20
C PRO A 188 -12.02 1.26 3.39
N ASP A 189 -11.23 1.23 4.44
CA ASP A 189 -10.33 0.14 4.71
C ASP A 189 -10.48 -0.32 6.15
N ARG A 190 -9.65 -1.28 6.54
CA ARG A 190 -9.69 -1.89 7.86
C ARG A 190 -8.83 -1.12 8.85
N ILE A 191 -8.73 -1.68 10.07
CA ILE A 191 -7.98 -1.10 11.20
C ILE A 191 -7.07 -2.19 11.78
N ARG A 192 -6.07 -1.80 12.57
CA ARG A 192 -5.16 -2.73 13.18
C ARG A 192 -5.11 -2.47 14.67
N ARG A 193 -5.56 -3.42 15.47
CA ARG A 193 -5.69 -3.16 16.90
C ARG A 193 -4.91 -4.14 17.79
N ARG A 194 -3.72 -3.73 18.27
CA ARG A 194 -2.93 -4.58 19.17
C ARG A 194 -2.80 -3.95 20.55
N PRO A 195 -3.39 -4.60 21.59
CA PRO A 195 -3.28 -4.13 22.99
C PRO A 195 -1.94 -4.50 23.62
N PRO A 196 -1.52 -3.75 24.65
CA PRO A 196 -0.31 -4.10 25.39
C PRO A 196 -0.27 -5.58 25.80
N GLY A 197 0.92 -6.18 25.73
CA GLY A 197 1.07 -7.56 26.10
C GLY A 197 1.08 -8.48 24.90
N THR A 198 0.49 -8.00 23.80
CA THR A 198 0.43 -8.75 22.54
C THR A 198 1.76 -9.43 22.15
N THR A 199 1.63 -10.66 21.64
CA THR A 199 2.74 -11.35 20.97
C THR A 199 2.28 -11.77 19.57
N SER A 200 3.10 -11.44 18.56
CA SER A 200 2.72 -11.60 17.16
C SER A 200 3.94 -11.81 16.27
N LYS A 201 3.76 -12.67 15.26
CA LYS A 201 4.81 -12.95 14.27
C LYS A 201 5.02 -11.73 13.35
N GLY A 202 3.94 -10.97 13.16
CA GLY A 202 3.97 -9.76 12.34
C GLY A 202 3.34 -10.00 11.00
N LEU A 203 3.86 -9.31 9.98
CA LEU A 203 3.45 -9.49 8.59
C LEU A 203 4.72 -9.57 7.77
N GLY A 204 4.83 -10.57 6.93
CA GLY A 204 6.05 -10.74 6.19
C GLY A 204 6.08 -9.78 5.03
N ALA A 205 7.30 -9.41 4.63
CA ALA A 205 7.51 -8.53 3.50
C ALA A 205 6.80 -9.00 2.22
N HIS A 206 6.09 -8.05 1.62
CA HIS A 206 5.35 -8.24 0.40
C HIS A 206 5.19 -6.85 -0.22
N THR A 207 4.52 -6.80 -1.38
CA THR A 207 4.03 -5.56 -1.96
C THR A 207 2.56 -5.78 -2.26
N ASP A 208 1.77 -4.70 -2.29
CA ASP A 208 0.36 -4.86 -2.60
C ASP A 208 0.06 -4.50 -4.07
N SER A 209 -1.22 -4.27 -4.36
CA SER A 209 -1.68 -3.89 -5.71
C SER A 209 -1.27 -4.85 -6.83
N GLY A 210 -1.67 -6.12 -6.68
CA GLY A 210 -1.49 -7.14 -7.73
C GLY A 210 -0.22 -7.97 -7.59
N ALA A 211 -0.25 -9.19 -8.11
CA ALA A 211 0.92 -10.02 -8.06
C ALA A 211 1.25 -10.57 -9.45
N LEU A 212 0.51 -11.59 -9.89
CA LEU A 212 0.73 -12.20 -11.18
C LEU A 212 0.45 -11.17 -12.27
N GLU A 213 -0.52 -10.31 -12.02
CA GLU A 213 -0.94 -9.35 -13.00
C GLU A 213 0.21 -8.39 -13.34
N ARG A 214 1.21 -8.31 -12.47
CA ARG A 214 2.34 -7.40 -12.69
C ARG A 214 3.07 -7.80 -13.96
N TRP A 215 3.13 -9.10 -14.19
CA TRP A 215 3.79 -9.64 -15.35
C TRP A 215 2.80 -9.78 -16.49
N LEU A 216 1.64 -10.39 -16.22
CA LEU A 216 0.73 -10.81 -17.29
C LEU A 216 -0.28 -9.78 -17.80
N LEU A 217 -0.53 -8.71 -17.03
CA LEU A 217 -1.54 -7.73 -17.44
C LEU A 217 -0.94 -6.77 -18.45
N PRO A 218 -1.66 -6.51 -19.56
CA PRO A 218 -1.20 -5.56 -20.60
C PRO A 218 -0.88 -4.17 -20.03
N ALA A 219 -1.76 -3.65 -19.17
CA ALA A 219 -1.55 -2.33 -18.56
C ALA A 219 -0.23 -2.29 -17.82
N TYR A 220 0.13 -3.37 -17.14
CA TYR A 220 1.43 -3.43 -16.45
C TYR A 220 2.62 -3.57 -17.38
N GLN A 221 2.37 -4.17 -18.56
CA GLN A 221 3.39 -4.23 -19.58
C GLN A 221 3.67 -2.81 -20.07
N GLN A 222 2.59 -2.02 -20.13
CA GLN A 222 2.65 -0.60 -20.44
C GLN A 222 3.40 0.13 -19.34
N VAL A 223 2.93 0.01 -18.10
CA VAL A 223 3.57 0.66 -16.95
C VAL A 223 5.07 0.37 -16.89
N PHE A 224 5.45 -0.90 -17.00
CA PHE A 224 6.84 -1.31 -16.79
C PHE A 224 7.62 -1.60 -18.07
N ALA A 225 7.20 -0.99 -19.18
CA ALA A 225 7.86 -1.18 -20.49
C ALA A 225 9.40 -1.11 -20.42
N SER A 226 9.91 0.00 -19.87
CA SER A 226 11.35 0.24 -19.69
C SER A 226 12.07 -0.84 -18.91
N VAL A 227 11.33 -1.51 -18.05
CA VAL A 227 11.87 -2.62 -17.28
C VAL A 227 11.93 -3.82 -18.23
N PHE A 228 10.80 -4.14 -18.84
CA PHE A 228 10.67 -5.34 -19.65
C PHE A 228 11.36 -5.26 -21.01
N ASN A 229 12.08 -4.17 -21.24
CA ASN A 229 12.88 -4.02 -22.44
C ASN A 229 14.35 -3.66 -22.18
N GLY A 230 14.73 -3.55 -20.92
CA GLY A 230 16.14 -3.38 -20.56
C GLY A 230 16.60 -1.98 -20.26
N ASN A 231 15.84 -0.98 -20.72
CA ASN A 231 16.14 0.44 -20.43
C ASN A 231 15.74 0.78 -18.99
N VAL A 232 16.27 0.00 -18.07
CA VAL A 232 15.82 0.01 -16.71
C VAL A 232 15.92 1.42 -16.14
N GLU A 233 16.99 2.14 -16.49
CA GLU A 233 17.19 3.51 -15.97
C GLU A 233 16.17 4.55 -16.48
N GLN A 234 15.56 4.28 -17.63
N GLN A 234 15.55 4.29 -17.63
CA GLN A 234 14.49 5.14 -18.13
CA GLN A 234 14.51 5.18 -18.12
C GLN A 234 13.25 5.03 -17.25
C GLN A 234 13.14 4.83 -17.51
N TYR A 235 13.14 3.91 -16.55
CA TYR A 235 11.94 3.62 -15.75
C TYR A 235 11.78 4.62 -14.60
N ASP A 236 10.56 5.15 -14.48
CA ASP A 236 10.27 6.17 -13.50
C ASP A 236 9.09 5.69 -12.63
N PRO A 237 9.36 5.41 -11.34
CA PRO A 237 8.36 5.00 -10.38
C PRO A 237 7.21 6.01 -10.29
N TRP A 238 7.48 7.27 -10.60
CA TRP A 238 6.51 8.31 -10.31
C TRP A 238 5.62 8.69 -11.49
N ASN A 239 5.74 7.94 -12.59
CA ASN A 239 4.94 8.15 -13.77
C ASN A 239 3.61 7.45 -13.68
N ALA A 240 2.52 8.21 -13.73
CA ALA A 240 1.17 7.63 -13.57
C ALA A 240 0.67 6.93 -14.82
N ALA A 241 1.32 7.19 -15.95
CA ALA A 241 1.02 6.51 -17.22
C ALA A 241 0.47 5.08 -17.05
N HIS A 242 -0.80 4.86 -17.41
CA HIS A 242 -1.38 3.50 -17.53
C HIS A 242 -1.72 2.77 -16.21
N ARG A 243 -1.24 3.29 -15.08
CA ARG A 243 -1.58 2.76 -13.76
C ARG A 243 -3.09 2.65 -13.57
N THR A 244 -3.84 3.53 -14.19
CA THR A 244 -5.29 3.57 -14.01
C THR A 244 -6.04 2.65 -14.96
N ASP A 245 -5.29 1.99 -15.83
CA ASP A 245 -5.89 1.03 -16.72
C ASP A 245 -5.85 -0.37 -16.16
N VAL A 246 -5.09 -0.60 -15.08
CA VAL A 246 -5.04 -1.94 -14.48
C VAL A 246 -6.33 -2.28 -13.72
N GLU A 247 -6.71 -3.55 -13.75
CA GLU A 247 -7.83 -4.07 -12.99
C GLU A 247 -7.38 -5.43 -12.53
N GLU A 248 -7.16 -5.60 -11.22
CA GLU A 248 -6.68 -6.85 -10.67
C GLU A 248 -7.59 -8.06 -10.94
N TYR A 249 -7.01 -9.24 -11.01
CA TYR A 249 -7.77 -10.47 -11.15
C TYR A 249 -8.64 -10.69 -9.91
N THR A 250 -9.86 -11.17 -10.11
CA THR A 250 -10.72 -11.38 -8.96
C THR A 250 -10.80 -12.86 -8.64
N VAL A 251 -10.57 -13.18 -7.37
CA VAL A 251 -10.65 -14.54 -6.84
C VAL A 251 -11.74 -14.61 -5.74
N ASP A 252 -12.56 -15.65 -5.79
CA ASP A 252 -13.69 -15.79 -4.87
C ASP A 252 -13.37 -15.34 -3.44
N ASN A 253 -14.08 -14.29 -3.01
CA ASN A 253 -14.11 -13.79 -1.63
C ASN A 253 -12.74 -13.39 -1.06
N THR A 254 -11.73 -13.38 -1.93
CA THR A 254 -10.37 -13.00 -1.60
C THR A 254 -10.16 -11.49 -1.76
N THR A 255 -9.46 -10.92 -0.79
CA THR A 255 -8.98 -9.54 -0.85
C THR A 255 -8.31 -9.21 -2.18
N LYS A 256 -8.82 -8.14 -2.80
CA LYS A 256 -8.19 -7.52 -3.97
C LYS A 256 -8.28 -6.01 -3.82
N CYS A 257 -7.63 -5.29 -4.72
CA CYS A 257 -7.69 -3.85 -4.71
C CYS A 257 -8.05 -3.31 -6.10
N SER A 258 -9.31 -2.92 -6.24
CA SER A 258 -9.85 -2.46 -7.52
C SER A 258 -9.83 -0.94 -7.63
N VAL A 259 -8.67 -0.33 -7.40
CA VAL A 259 -8.51 1.11 -7.23
C VAL A 259 -7.04 1.48 -7.39
N PHE A 260 -6.77 2.70 -7.83
CA PHE A 260 -5.38 3.13 -7.99
C PHE A 260 -4.92 3.95 -6.80
N ARG A 261 -3.84 3.51 -6.18
CA ARG A 261 -3.36 4.20 -5.00
C ARG A 261 -2.00 4.72 -5.28
N THR A 262 -1.84 6.03 -5.17
CA THR A 262 -0.51 6.60 -5.30
C THR A 262 0.32 6.16 -4.14
N PHE A 263 -0.26 6.28 -2.95
CA PHE A 263 0.38 5.84 -1.73
C PHE A 263 -0.59 5.00 -0.94
N GLN A 264 -0.07 4.00 -0.27
CA GLN A 264 -0.81 3.47 0.87
C GLN A 264 -0.26 4.21 2.09
N GLY A 265 -1.07 4.26 3.13
CA GLY A 265 -0.60 4.66 4.44
C GLY A 265 -1.60 4.34 5.52
N TRP A 266 -1.25 4.67 6.75
CA TRP A 266 -2.23 4.73 7.83
C TRP A 266 -2.01 5.91 8.77
N THR A 267 -3.02 6.19 9.59
CA THR A 267 -2.92 7.15 10.68
C THR A 267 -2.85 6.38 12.00
N ALA A 268 -1.88 6.73 12.83
CA ALA A 268 -1.69 6.12 14.14
C ALA A 268 -2.70 6.62 15.18
N LEU A 269 -3.41 5.70 15.84
CA LEU A 269 -4.30 6.06 16.94
C LEU A 269 -3.64 5.97 18.32
N SER A 270 -2.42 5.45 18.37
CA SER A 270 -1.68 5.26 19.62
C SER A 270 -0.22 5.55 19.36
N ASP A 271 0.56 5.80 20.41
CA ASP A 271 1.99 5.97 20.21
C ASP A 271 2.63 4.65 19.77
N MET A 272 3.59 4.70 18.85
CA MET A 272 4.31 3.50 18.44
C MET A 272 5.72 3.64 19.00
N LEU A 273 6.06 2.75 19.93
CA LEU A 273 7.38 2.81 20.59
C LEU A 273 8.38 1.88 19.89
N PRO A 274 9.66 2.28 19.87
CA PRO A 274 10.68 1.57 19.10
C PRO A 274 10.75 0.09 19.49
N GLY A 275 10.76 -0.78 18.48
CA GLY A 275 10.90 -2.21 18.69
C GLY A 275 9.59 -2.93 18.93
N GLN A 276 8.49 -2.19 18.99
CA GLN A 276 7.21 -2.84 19.34
C GLN A 276 6.44 -3.41 18.15
N GLY A 277 7.16 -4.12 17.28
CA GLY A 277 6.53 -4.77 16.11
C GLY A 277 6.03 -3.74 15.10
N LEU A 278 6.95 -2.89 14.68
CA LEU A 278 6.65 -1.70 13.90
C LEU A 278 6.69 -1.92 12.39
N LEU A 279 5.90 -1.16 11.65
CA LEU A 279 6.00 -1.11 10.19
C LEU A 279 7.43 -0.87 9.67
N HIS A 280 7.90 -1.77 8.82
CA HIS A 280 9.15 -1.55 8.08
C HIS A 280 8.82 -1.45 6.60
N VAL A 281 9.72 -0.77 5.88
CA VAL A 281 9.57 -0.53 4.47
C VAL A 281 10.92 -0.67 3.79
N VAL A 282 10.94 -0.99 2.50
CA VAL A 282 12.17 -0.89 1.69
C VAL A 282 12.17 0.43 0.92
N PRO A 283 12.81 1.48 1.46
CA PRO A 283 12.70 2.85 0.92
C PRO A 283 13.47 3.06 -0.42
N ILE A 284 13.10 2.32 -1.44
CA ILE A 284 13.76 2.37 -2.72
C ILE A 284 12.63 2.03 -3.65
N PRO A 285 11.81 3.03 -4.03
CA PRO A 285 10.61 2.69 -4.81
C PRO A 285 10.90 1.95 -6.12
N GLU A 286 12.11 2.11 -6.65
CA GLU A 286 12.52 1.42 -7.88
C GLU A 286 12.77 -0.07 -7.70
N ALA A 287 12.83 -0.54 -6.45
CA ALA A 287 13.02 -1.98 -6.20
C ALA A 287 12.11 -2.87 -7.10
N MET A 288 10.91 -2.37 -7.39
CA MET A 288 9.97 -3.09 -8.25
C MET A 288 10.63 -3.66 -9.51
N ALA A 289 11.60 -2.94 -10.08
CA ALA A 289 12.36 -3.44 -11.21
C ALA A 289 12.99 -4.82 -10.91
N TYR A 290 13.62 -4.92 -9.75
CA TYR A 290 14.30 -6.14 -9.29
C TYR A 290 13.27 -7.22 -9.12
N ILE A 291 12.16 -6.90 -8.46
CA ILE A 291 11.11 -7.87 -8.27
C ILE A 291 10.67 -8.46 -9.62
N LEU A 292 10.56 -7.58 -10.61
CA LEU A 292 10.10 -7.92 -11.95
C LEU A 292 11.14 -8.78 -12.69
N LEU A 293 12.40 -8.42 -12.61
CA LEU A 293 13.38 -9.20 -13.32
C LEU A 293 13.79 -10.51 -12.61
N ARG A 294 13.69 -10.58 -11.29
CA ARG A 294 14.24 -11.75 -10.55
C ARG A 294 13.82 -13.09 -11.07
N PRO A 295 12.53 -13.29 -11.38
CA PRO A 295 12.18 -14.63 -11.81
C PRO A 295 12.66 -14.98 -13.23
N LEU A 296 13.06 -13.95 -13.98
CA LEU A 296 13.51 -14.12 -15.35
C LEU A 296 14.88 -14.76 -15.41
N LEU A 297 15.62 -14.70 -14.31
CA LEU A 297 16.98 -15.25 -14.20
C LEU A 297 16.96 -16.76 -14.24
N ASP A 298 18.11 -17.37 -14.47
CA ASP A 298 18.05 -18.77 -14.89
C ASP A 298 18.14 -19.82 -13.79
N ASP A 299 18.21 -19.39 -12.53
CA ASP A 299 18.15 -20.34 -11.42
C ASP A 299 16.73 -20.55 -10.93
N VAL A 300 15.78 -19.77 -11.44
CA VAL A 300 14.41 -19.96 -11.01
C VAL A 300 13.66 -20.85 -11.99
N PRO A 301 12.89 -21.83 -11.48
CA PRO A 301 12.10 -22.73 -12.30
C PRO A 301 11.25 -21.97 -13.31
N GLU A 302 11.10 -22.56 -14.49
CA GLU A 302 10.48 -21.89 -15.65
C GLU A 302 9.04 -21.45 -15.47
N ASP A 303 8.30 -22.19 -14.64
CA ASP A 303 6.88 -21.93 -14.47
C ASP A 303 6.57 -21.26 -13.15
N GLU A 304 7.56 -20.55 -12.59
CA GLU A 304 7.48 -19.96 -11.27
C GLU A 304 7.86 -18.47 -11.19
N LEU A 305 7.24 -17.76 -10.26
CA LEU A 305 7.54 -16.37 -10.06
C LEU A 305 7.95 -16.11 -8.61
N CYS A 306 8.91 -16.89 -8.11
CA CYS A 306 9.43 -16.71 -6.75
C CYS A 306 8.34 -16.58 -5.67
N GLY A 307 7.35 -17.48 -5.73
CA GLY A 307 6.31 -17.54 -4.73
C GLY A 307 4.97 -16.98 -5.15
N VAL A 308 4.95 -16.11 -6.14
CA VAL A 308 3.70 -15.51 -6.60
C VAL A 308 2.67 -16.60 -6.90
N ALA A 309 1.45 -16.39 -6.39
CA ALA A 309 0.30 -17.27 -6.61
C ALA A 309 -0.96 -16.41 -6.78
N PRO A 310 -1.87 -16.81 -7.70
CA PRO A 310 -3.14 -16.09 -7.82
C PRO A 310 -3.89 -15.99 -6.48
N GLY A 311 -4.49 -14.82 -6.22
CA GLY A 311 -5.27 -14.59 -5.00
C GLY A 311 -4.41 -14.56 -3.76
N ARG A 312 -3.16 -14.15 -3.94
N ARG A 312 -3.15 -14.17 -3.92
CA ARG A 312 -2.20 -14.06 -2.84
CA ARG A 312 -2.19 -14.09 -2.83
C ARG A 312 -1.27 -12.89 -3.06
C ARG A 312 -1.23 -12.93 -3.05
N VAL A 313 -0.94 -12.21 -1.97
CA VAL A 313 -0.02 -11.07 -2.01
C VAL A 313 1.33 -11.52 -2.57
N LEU A 314 2.02 -10.61 -3.26
CA LEU A 314 3.32 -10.93 -3.85
C LEU A 314 4.32 -10.94 -2.71
N PRO A 315 4.92 -12.11 -2.42
CA PRO A 315 5.87 -12.24 -1.29
C PRO A 315 7.28 -11.82 -1.65
N ILE A 316 7.96 -11.16 -0.72
CA ILE A 316 9.38 -10.80 -0.83
C ILE A 316 10.09 -11.54 0.29
N SER A 317 11.18 -12.23 -0.03
CA SER A 317 11.87 -13.11 0.92
C SER A 317 13.38 -12.93 0.79
N GLU A 318 14.13 -13.22 1.86
CA GLU A 318 15.59 -13.30 1.75
C GLU A 318 16.04 -14.32 0.70
N GLN A 319 15.27 -15.40 0.55
CA GLN A 319 15.62 -16.44 -0.41
C GLN A 319 15.73 -15.91 -1.83
N TRP A 320 14.77 -15.10 -2.25
CA TRP A 320 14.74 -14.59 -3.62
C TRP A 320 15.24 -13.15 -3.80
N HIS A 321 15.14 -12.34 -2.74
CA HIS A 321 15.43 -10.93 -2.82
C HIS A 321 16.36 -10.50 -1.69
N PRO A 322 17.54 -11.15 -1.54
CA PRO A 322 18.40 -10.83 -0.39
C PRO A 322 18.80 -9.35 -0.32
N LEU A 323 19.08 -8.74 -1.47
CA LEU A 323 19.49 -7.35 -1.52
C LEU A 323 18.37 -6.43 -1.03
N LEU A 324 17.14 -6.71 -1.43
CA LEU A 324 16.05 -5.86 -1.02
C LEU A 324 15.78 -6.04 0.47
N MET A 325 15.83 -7.28 0.95
CA MET A 325 15.73 -7.55 2.38
C MET A 325 16.82 -6.80 3.16
N ALA A 326 18.03 -6.70 2.60
CA ALA A 326 19.13 -5.96 3.22
C ALA A 326 18.80 -4.51 3.46
N ALA A 327 17.71 -4.06 2.87
CA ALA A 327 17.37 -2.64 2.87
C ALA A 327 16.17 -2.28 3.75
N LEU A 328 15.56 -3.28 4.40
CA LEU A 328 14.39 -3.02 5.26
C LEU A 328 14.70 -2.02 6.35
N THR A 329 13.82 -1.04 6.51
CA THR A 329 14.03 -0.05 7.54
C THR A 329 12.72 0.27 8.26
N SER A 330 12.83 0.48 9.56
CA SER A 330 11.69 0.73 10.42
C SER A 330 11.15 2.17 10.24
N ILE A 331 9.85 2.35 10.44
CA ILE A 331 9.32 3.68 10.75
C ILE A 331 10.10 4.14 11.98
N PRO A 332 10.27 5.47 12.16
CA PRO A 332 10.83 6.01 13.39
C PRO A 332 9.78 5.77 14.48
N PRO A 333 10.09 6.05 15.76
CA PRO A 333 8.97 5.94 16.71
C PRO A 333 7.96 7.05 16.45
N LEU A 334 6.69 6.78 16.74
CA LEU A 334 5.59 7.70 16.43
C LEU A 334 4.73 8.07 17.62
N GLU A 335 4.16 9.27 17.60
N GLU A 335 4.18 9.29 17.57
CA GLU A 335 3.17 9.66 18.60
CA GLU A 335 3.16 9.78 18.48
C GLU A 335 1.79 9.71 17.94
C GLU A 335 1.80 9.50 17.86
N ALA A 336 0.77 9.32 18.68
CA ALA A 336 -0.60 9.22 18.15
C ALA A 336 -0.97 10.48 17.40
N GLY A 337 -1.66 10.33 16.28
CA GLY A 337 -1.96 11.49 15.44
C GLY A 337 -1.01 11.61 14.26
N ASP A 338 0.22 11.10 14.38
CA ASP A 338 1.13 10.97 13.21
C ASP A 338 0.48 10.08 12.11
N SER A 339 1.12 10.05 10.94
CA SER A 339 0.64 9.19 9.86
C SER A 339 1.80 8.84 8.94
N VAL A 340 1.74 7.64 8.36
CA VAL A 340 2.84 7.17 7.50
C VAL A 340 2.37 6.73 6.13
N TRP A 341 3.21 6.95 5.14
CA TRP A 341 2.83 6.80 3.72
C TRP A 341 3.94 6.09 2.95
N TRP A 342 3.53 5.16 2.09
CA TRP A 342 4.50 4.53 1.17
C TRP A 342 3.93 4.41 -0.26
N HIS A 343 4.82 4.58 -1.22
CA HIS A 343 4.53 4.44 -2.64
C HIS A 343 3.97 3.04 -2.91
N CYS A 344 2.97 2.96 -3.78
CA CYS A 344 2.22 1.74 -3.96
C CYS A 344 3.00 0.51 -4.43
N ASP A 345 4.23 0.69 -4.87
CA ASP A 345 5.08 -0.43 -5.29
C ASP A 345 6.14 -0.77 -4.26
N VAL A 346 6.02 -0.21 -3.07
CA VAL A 346 7.07 -0.32 -2.08
C VAL A 346 6.86 -1.55 -1.21
N ILE A 347 7.94 -2.31 -1.04
CA ILE A 347 7.98 -3.49 -0.20
C ILE A 347 7.85 -3.07 1.25
N HIS A 348 7.00 -3.78 1.98
CA HIS A 348 6.78 -3.50 3.40
C HIS A 348 6.33 -4.75 4.21
N SER A 349 6.51 -4.63 5.54
CA SER A 349 6.22 -5.69 6.50
C SER A 349 5.98 -5.05 7.85
N VAL A 350 5.50 -5.87 8.79
CA VAL A 350 5.29 -5.47 10.19
C VAL A 350 6.11 -6.43 11.02
N ALA A 351 7.12 -5.89 11.70
CA ALA A 351 8.03 -6.64 12.55
C ALA A 351 7.29 -7.46 13.62
N PRO A 352 7.89 -8.56 14.08
CA PRO A 352 7.23 -9.25 15.21
C PRO A 352 7.49 -8.57 16.57
N VAL A 353 6.56 -8.73 17.50
CA VAL A 353 6.75 -8.38 18.91
C VAL A 353 6.55 -9.55 19.87
N GLU A 354 7.38 -9.58 20.93
CA GLU A 354 7.03 -10.29 22.17
C GLU A 354 6.62 -9.29 23.25
N ASN A 355 5.46 -9.51 23.86
CA ASN A 355 5.03 -8.72 25.03
C ASN A 355 5.19 -7.22 24.73
N GLN A 356 4.24 -6.71 23.95
CA GLN A 356 4.35 -5.40 23.33
C GLN A 356 4.08 -4.31 24.35
N GLN A 357 4.96 -3.30 24.41
CA GLN A 357 4.68 -2.10 25.20
C GLN A 357 3.69 -1.16 24.53
N GLY A 358 2.65 -0.78 25.27
CA GLY A 358 1.62 0.13 24.77
C GLY A 358 0.76 -0.49 23.66
N TRP A 359 -0.11 0.32 23.06
CA TRP A 359 -0.94 -0.11 21.94
C TRP A 359 -0.27 0.07 20.58
N GLY A 360 -0.68 -0.75 19.61
CA GLY A 360 -0.22 -0.60 18.23
C GLY A 360 -1.39 -0.43 17.27
N ASN A 361 -2.15 0.64 17.46
CA ASN A 361 -3.37 0.86 16.70
C ASN A 361 -3.21 1.84 15.53
N VAL A 362 -3.71 1.45 14.36
CA VAL A 362 -3.67 2.31 13.20
C VAL A 362 -5.01 2.23 12.48
N MET A 363 -5.33 3.26 11.69
CA MET A 363 -6.44 3.24 10.72
C MET A 363 -5.87 3.22 9.32
N TYR A 364 -6.34 2.33 8.46
CA TYR A 364 -5.84 2.34 7.10
C TYR A 364 -6.56 3.39 6.24
N ILE A 365 -5.81 4.40 5.78
CA ILE A 365 -6.34 5.45 4.89
C ILE A 365 -5.28 5.78 3.81
N PRO A 366 -5.58 5.43 2.54
CA PRO A 366 -4.65 5.66 1.45
C PRO A 366 -4.85 6.99 0.71
N ALA A 367 -3.91 7.34 -0.16
CA ALA A 367 -4.18 8.34 -1.17
C ALA A 367 -4.57 7.63 -2.46
N ALA A 368 -5.85 7.72 -2.81
CA ALA A 368 -6.35 7.18 -4.09
C ALA A 368 -7.11 8.27 -4.89
N PRO A 369 -6.42 8.92 -5.85
CA PRO A 369 -6.79 10.20 -6.50
C PRO A 369 -7.97 10.03 -7.45
N MET A 370 -8.75 11.11 -7.65
CA MET A 370 -9.97 11.04 -8.47
C MET A 370 -9.65 10.83 -9.96
N CYS A 371 -10.35 9.87 -10.55
CA CYS A 371 -10.16 9.47 -11.93
C CYS A 371 -11.31 8.53 -12.28
N GLU A 372 -11.51 8.24 -13.56
CA GLU A 372 -12.68 7.46 -13.97
C GLU A 372 -12.76 6.12 -13.23
N LYS A 373 -11.59 5.51 -13.01
CA LYS A 373 -11.47 4.21 -12.38
C LYS A 373 -11.83 4.28 -10.89
N ASN A 374 -11.11 5.12 -10.16
CA ASN A 374 -11.33 5.28 -8.73
C ASN A 374 -12.76 5.74 -8.40
N LEU A 375 -13.38 6.51 -9.31
CA LEU A 375 -14.74 7.01 -9.14
C LEU A 375 -15.76 5.88 -9.26
N ALA A 376 -15.52 4.97 -10.21
CA ALA A 376 -16.39 3.80 -10.40
C ALA A 376 -16.55 3.07 -9.08
N TYR A 377 -15.40 2.81 -8.42
CA TYR A 377 -15.36 2.17 -7.09
C TYR A 377 -16.04 3.01 -6.01
N ALA A 378 -15.72 4.30 -5.98
CA ALA A 378 -16.36 5.27 -5.10
C ALA A 378 -17.89 5.22 -5.13
N ARG A 379 -18.48 5.14 -6.33
N ARG A 379 -18.49 5.13 -6.32
CA ARG A 379 -19.93 4.96 -6.48
CA ARG A 379 -19.95 4.98 -6.46
C ARG A 379 -20.44 3.74 -5.70
C ARG A 379 -20.46 3.72 -5.72
N LYS A 380 -19.65 2.66 -5.72
CA LYS A 380 -19.98 1.42 -5.00
C LYS A 380 -19.85 1.57 -3.50
N VAL A 381 -18.81 2.30 -3.07
CA VAL A 381 -18.56 2.53 -1.66
C VAL A 381 -19.77 3.17 -0.96
N LYS A 382 -20.30 4.23 -1.57
CA LYS A 382 -21.46 4.96 -1.07
C LYS A 382 -22.63 4.04 -0.77
N ALA A 383 -22.88 3.07 -1.64
CA ALA A 383 -23.94 2.09 -1.40
C ALA A 383 -23.66 1.34 -0.09
N ALA A 384 -22.43 0.82 0.04
CA ALA A 384 -22.03 0.12 1.23
C ALA A 384 -22.19 1.00 2.49
N LEU A 385 -21.58 2.18 2.50
CA LEU A 385 -21.72 3.15 3.61
C LEU A 385 -23.14 3.30 4.18
N GLU A 386 -24.16 3.13 3.35
CA GLU A 386 -25.55 3.19 3.82
C GLU A 386 -25.92 1.97 4.66
N THR A 387 -25.76 0.78 4.09
CA THR A 387 -26.04 -0.48 4.75
C THR A 387 -25.02 -0.84 5.83
N GLY A 388 -23.80 -0.32 5.69
CA GLY A 388 -22.70 -0.68 6.58
C GLY A 388 -21.99 -1.96 6.20
N ALA A 389 -22.17 -2.42 4.96
CA ALA A 389 -21.56 -3.68 4.51
C ALA A 389 -20.06 -3.54 4.29
N SER A 390 -19.37 -4.66 4.20
CA SER A 390 -17.96 -4.66 3.83
C SER A 390 -17.83 -4.17 2.40
N PRO A 391 -16.95 -3.18 2.18
CA PRO A 391 -16.65 -2.72 0.83
C PRO A 391 -16.28 -3.90 -0.07
N GLY A 392 -16.73 -3.84 -1.33
CA GLY A 392 -16.50 -4.92 -2.30
C GLY A 392 -15.10 -5.53 -2.36
N ASP A 393 -14.08 -4.72 -2.15
CA ASP A 393 -12.70 -5.17 -2.23
C ASP A 393 -12.32 -6.15 -1.12
N PHE A 394 -13.23 -6.29 -0.15
CA PHE A 394 -12.92 -7.06 1.03
C PHE A 394 -13.95 -8.16 1.23
N PRO A 395 -13.52 -9.30 1.84
CA PRO A 395 -14.37 -10.42 2.23
C PRO A 395 -15.71 -9.94 2.75
N ARG A 396 -16.80 -10.61 2.40
N ARG A 396 -16.76 -10.66 2.37
CA ARG A 396 -18.14 -10.13 2.77
CA ARG A 396 -18.11 -10.37 2.81
C ARG A 396 -18.55 -10.47 4.22
C ARG A 396 -18.27 -10.82 4.25
N GLU A 397 -17.75 -10.02 5.18
CA GLU A 397 -18.01 -10.26 6.61
C GLU A 397 -19.24 -9.46 7.12
N ASP A 398 -19.33 -8.18 6.76
CA ASP A 398 -20.55 -7.39 6.95
C ASP A 398 -21.00 -7.25 8.40
N TYR A 399 -20.04 -7.13 9.32
CA TYR A 399 -20.36 -7.06 10.75
C TYR A 399 -21.17 -5.83 11.14
N GLU A 400 -20.83 -4.69 10.54
CA GLU A 400 -21.38 -3.40 10.94
C GLU A 400 -22.78 -3.12 10.43
N THR A 401 -23.29 -4.01 9.58
CA THR A 401 -24.59 -3.79 8.91
C THR A 401 -25.66 -3.56 9.96
N THR A 402 -25.33 -4.01 11.16
CA THR A 402 -26.32 -4.17 12.21
C THR A 402 -26.02 -3.27 13.44
N TRP A 403 -24.74 -2.89 13.57
CA TRP A 403 -24.19 -2.11 14.67
C TRP A 403 -24.79 -0.74 14.91
N GLU A 404 -24.58 -0.24 16.14
CA GLU A 404 -24.97 1.10 16.55
C GLU A 404 -23.78 2.04 16.55
N GLY A 405 -24.06 3.33 16.39
CA GLY A 405 -23.02 4.36 16.39
C GLY A 405 -22.07 4.34 15.21
N ARG A 406 -22.63 4.01 14.05
CA ARG A 406 -21.90 3.95 12.81
C ARG A 406 -21.97 5.32 12.14
N PHE A 407 -20.94 5.69 11.37
CA PHE A 407 -21.00 6.91 10.57
C PHE A 407 -21.98 6.67 9.44
N THR A 408 -22.84 7.65 9.17
CA THR A 408 -23.86 7.49 8.14
C THR A 408 -23.82 8.59 7.06
N LEU A 409 -24.75 8.46 6.11
CA LEU A 409 -24.79 9.30 4.92
C LEU A 409 -24.91 10.78 5.26
N ARG A 410 -25.84 11.12 6.14
CA ARG A 410 -26.06 12.51 6.54
C ARG A 410 -24.88 13.18 7.28
N ASP A 411 -23.89 12.40 7.67
CA ASP A 411 -22.79 12.94 8.47
C ASP A 411 -21.63 13.42 7.60
N LEU A 412 -21.81 13.36 6.28
CA LEU A 412 -20.72 13.68 5.33
C LEU A 412 -20.28 15.15 5.29
N ASN A 413 -19.00 15.35 5.01
CA ASN A 413 -18.43 16.64 4.67
C ASN A 413 -18.87 17.19 3.32
N ILE A 414 -18.22 18.28 2.94
CA ILE A 414 -18.23 18.73 1.56
C ILE A 414 -17.15 17.90 0.83
N HIS A 415 -16.01 17.70 1.49
N HIS A 415 -16.04 17.64 1.50
CA HIS A 415 -14.97 16.79 1.03
CA HIS A 415 -14.99 16.80 0.92
C HIS A 415 -15.59 15.42 0.78
C HIS A 415 -15.28 15.31 1.01
N GLY A 416 -16.29 14.93 1.80
CA GLY A 416 -16.79 13.58 1.82
C GLY A 416 -17.74 13.34 0.67
N LYS A 417 -18.68 14.27 0.48
CA LYS A 417 -19.64 14.18 -0.61
C LYS A 417 -18.95 14.18 -1.98
N ARG A 418 -17.82 14.88 -2.07
CA ARG A 418 -17.04 14.97 -3.31
C ARG A 418 -16.16 13.75 -3.54
N ALA A 419 -15.56 13.25 -2.45
CA ALA A 419 -14.70 12.08 -2.48
C ALA A 419 -15.51 10.86 -2.89
N LEU A 420 -16.78 10.85 -2.55
CA LEU A 420 -17.67 9.83 -3.04
C LEU A 420 -18.39 10.26 -4.32
N GLY A 421 -18.01 11.43 -4.85
CA GLY A 421 -18.64 12.03 -6.04
C GLY A 421 -20.15 12.18 -5.94
N ILE A 422 -20.59 13.25 -5.27
CA ILE A 422 -22.02 13.50 -5.02
C ILE A 422 -22.40 14.99 -5.21
FE FE B . 0.67 -4.50 2.63
C1 ICT C . -2.14 -6.19 3.33
O1 ICT C . -1.42 -5.29 2.79
O2 ICT C . -1.80 -6.73 4.41
C2 ICT C . -3.44 -6.64 2.66
O7 ICT C . -3.76 -7.96 3.10
C3 ICT C . -4.69 -5.77 2.92
C4 ICT C . -4.56 -4.76 4.07
C5 ICT C . -5.74 -3.83 4.12
O3 ICT C . -5.72 -2.79 3.39
O4 ICT C . -6.69 -4.13 4.90
C6 ICT C . -5.17 -5.12 1.63
O5 ICT C . -6.34 -5.38 1.30
O6 ICT C . -4.43 -4.37 0.96
C1 SIN D . 0.07 -3.42 4.82
O1 SIN D . 0.84 -4.38 4.59
O2 SIN D . -0.32 -2.65 3.92
C2 SIN D . -0.42 -3.19 6.23
C3 SIN D . 0.82 -2.98 7.09
C4 SIN D . 0.48 -2.36 8.42
O3 SIN D . -0.56 -2.68 9.02
O4 SIN D . 1.29 -1.55 8.90
C1 CIT E . 22.18 -15.83 -5.23
O1 CIT E . 22.42 -14.73 -4.70
O2 CIT E . 21.13 -16.41 -4.87
C2 CIT E . 23.16 -16.40 -6.27
C3 CIT E . 22.79 -17.69 -7.05
O7 CIT E . 21.67 -18.39 -6.44
C4 CIT E . 24.02 -18.63 -7.15
C5 CIT E . 24.34 -19.58 -5.99
O3 CIT E . 24.47 -20.81 -6.18
O4 CIT E . 24.54 -19.17 -4.82
C6 CIT E . 22.39 -17.29 -8.49
O5 CIT E . 21.36 -16.59 -8.72
O6 CIT E . 23.07 -17.65 -9.49
#